data_3FUW
#
_entry.id   3FUW
#
_cell.length_a   53.417
_cell.length_b   61.042
_cell.length_c   82.531
_cell.angle_alpha   90.000
_cell.angle_beta   90.000
_cell.angle_gamma   90.000
#
_symmetry.space_group_name_H-M   'P 21 21 21'
#
loop_
_entity.id
_entity.type
_entity.pdbx_description
1 polymer 'Dimethyladenosine transferase'
2 non-polymer "5'-DEOXY-5'-METHYLTHIOADENOSINE"
3 water water
#
_entity_poly.entity_id   1
_entity_poly.type   'polypeptide(L)'
_entity_poly.pdbx_seq_one_letter_code
;MSKLASPQSVRALLERHGLFADKRFGQNFLVSEAHLRRIVEAARPFTGPVFEVGPGLGALTRALLEAGAEVTAIEKDLRL
RPVLEETLSGLPVRLVFQDALLYPWEEVPQGSLLVANLPYHIATPLVTRLLKTGRFARLVFLVQKEVAERMTARPKTPAY
GVLTLRVAHHAVAERLFDLPPGAFFPPPKVWSSLVRLTPTGALDDPGLFRLVEAAFGKRRKTLLNALAAAGYPKARVEEA
LRALGLPPRVRAEELDLEAFRRLREGLEGAV
;
_entity_poly.pdbx_strand_id   A
#
loop_
_chem_comp.id
_chem_comp.type
_chem_comp.name
_chem_comp.formula
MTA non-polymer 5'-DEOXY-5'-METHYLTHIOADENOSINE 'C11 H15 N5 O3 S'
#
# COMPACT_ATOMS: atom_id res chain seq x y z
N SER A 6 5.62 23.93 -8.02
CA SER A 6 7.06 24.31 -8.15
C SER A 6 7.93 23.68 -7.05
N PRO A 7 9.12 23.16 -7.43
CA PRO A 7 10.07 22.73 -6.40
C PRO A 7 10.52 23.94 -5.57
N GLN A 8 10.47 25.11 -6.19
CA GLN A 8 10.85 26.36 -5.54
C GLN A 8 9.84 26.77 -4.47
N SER A 9 8.55 26.66 -4.80
CA SER A 9 7.49 27.04 -3.87
C SER A 9 7.48 26.13 -2.64
N VAL A 10 7.71 24.84 -2.87
CA VAL A 10 7.78 23.87 -1.79
C VAL A 10 8.99 24.16 -0.90
N ARG A 11 10.15 24.33 -1.54
CA ARG A 11 11.36 24.72 -0.80
C ARG A 11 11.11 26.00 -0.01
N ALA A 12 10.56 27.02 -0.67
CA ALA A 12 10.28 28.30 -0.01
C ALA A 12 9.28 28.16 1.14
N LEU A 13 8.27 27.31 0.97
CA LEU A 13 7.25 27.12 1.99
C LEU A 13 7.87 26.48 3.23
N LEU A 14 8.70 25.45 3.02
CA LEU A 14 9.43 24.84 4.12
C LEU A 14 10.29 25.87 4.83
N GLU A 15 11.03 26.66 4.04
CA GLU A 15 11.94 27.66 4.59
C GLU A 15 11.19 28.70 5.42
N ARG A 16 10.05 29.16 4.90
CA ARG A 16 9.23 30.15 5.61
C ARG A 16 8.73 29.66 6.97
N HIS A 17 8.41 28.36 7.06
CA HIS A 17 7.93 27.76 8.31
C HIS A 17 9.04 27.14 9.17
N GLY A 18 10.30 27.35 8.77
CA GLY A 18 11.47 26.84 9.51
C GLY A 18 11.50 25.33 9.59
N LEU A 19 11.04 24.68 8.51
CA LEU A 19 10.98 23.23 8.43
C LEU A 19 12.10 22.68 7.57
N PHE A 20 12.49 21.44 7.86
CA PHE A 20 13.41 20.69 7.02
C PHE A 20 12.80 19.31 6.93
N ALA A 21 12.90 18.70 5.75
CA ALA A 21 12.37 17.35 5.57
C ALA A 21 13.19 16.38 6.42
N ASP A 22 12.50 15.59 7.22
CA ASP A 22 13.12 14.71 8.21
C ASP A 22 13.03 13.28 7.72
N LYS A 23 14.18 12.67 7.51
CA LYS A 23 14.22 11.30 7.05
C LYS A 23 13.61 10.32 8.04
N ARG A 24 13.62 10.66 9.33
CA ARG A 24 12.96 9.78 10.32
C ARG A 24 11.48 9.66 10.10
N PHE A 25 10.93 10.59 9.32
CA PHE A 25 9.52 10.55 8.94
C PHE A 25 9.30 10.23 7.45
N GLY A 26 10.36 9.85 6.74
CA GLY A 26 10.27 9.57 5.31
C GLY A 26 9.65 10.75 4.56
N GLN A 27 10.03 11.97 4.94
CA GLN A 27 9.43 13.16 4.35
C GLN A 27 9.94 13.50 2.95
N ASN A 28 9.08 13.32 1.95
CA ASN A 28 9.33 13.70 0.58
C ASN A 28 8.02 14.26 0.07
N PHE A 29 7.96 15.58 -0.09
CA PHE A 29 6.68 16.27 -0.30
C PHE A 29 6.39 16.46 -1.77
N LEU A 30 5.13 16.23 -2.15
CA LEU A 30 4.74 16.37 -3.55
C LEU A 30 4.85 17.80 -4.08
N VAL A 31 5.43 17.94 -5.27
CA VAL A 31 5.69 19.25 -5.86
C VAL A 31 4.80 19.67 -7.05
N SER A 32 4.17 18.71 -7.71
CA SER A 32 3.52 18.99 -8.99
C SER A 32 2.00 18.92 -8.90
N GLU A 33 1.33 20.00 -9.32
CA GLU A 33 -0.14 20.01 -9.36
C GLU A 33 -0.65 18.94 -10.31
N ALA A 34 0.11 18.64 -11.37
CA ALA A 34 -0.29 17.59 -12.30
C ALA A 34 -0.33 16.22 -11.64
N HIS A 35 0.64 15.94 -10.77
CA HIS A 35 0.63 14.68 -10.05
C HIS A 35 -0.49 14.62 -9.02
N LEU A 36 -0.72 15.75 -8.35
CA LEU A 36 -1.83 15.87 -7.41
C LEU A 36 -3.15 15.56 -8.12
N ARG A 37 -3.31 16.11 -9.33
CA ARG A 37 -4.52 15.89 -10.11
C ARG A 37 -4.67 14.40 -10.47
N ARG A 38 -3.57 13.76 -10.84
CA ARG A 38 -3.62 12.34 -11.17
C ARG A 38 -4.05 11.49 -10.00
N ILE A 39 -3.57 11.84 -8.81
CA ILE A 39 -3.96 11.10 -7.61
C ILE A 39 -5.46 11.27 -7.34
N VAL A 40 -5.94 12.52 -7.39
CA VAL A 40 -7.37 12.79 -7.12
C VAL A 40 -8.24 12.07 -8.15
N GLU A 41 -7.82 12.10 -9.41
CA GLU A 41 -8.63 11.50 -10.47
C GLU A 41 -8.64 9.98 -10.38
N ALA A 42 -7.55 9.40 -9.86
CA ALA A 42 -7.53 7.94 -9.64
C ALA A 42 -8.46 7.52 -8.50
N ALA A 43 -8.66 8.41 -7.52
CA ALA A 43 -9.43 8.10 -6.32
C ALA A 43 -10.92 8.40 -6.45
N ARG A 44 -11.28 9.37 -7.28
CA ARG A 44 -12.68 9.80 -7.40
C ARG A 44 -13.54 8.68 -8.04
N PRO A 45 -14.86 8.73 -7.85
CA PRO A 45 -15.66 9.66 -7.09
C PRO A 45 -15.56 9.39 -5.58
N PHE A 46 -15.75 10.44 -4.80
CA PHE A 46 -15.57 10.36 -3.37
C PHE A 46 -16.89 9.95 -2.70
N THR A 47 -17.16 8.66 -2.81
CA THR A 47 -18.44 8.05 -2.39
C THR A 47 -18.48 7.70 -0.91
N GLY A 48 -17.32 7.78 -0.26
CA GLY A 48 -17.20 7.54 1.17
C GLY A 48 -16.14 8.47 1.76
N PRO A 49 -15.98 8.45 3.09
CA PRO A 49 -15.00 9.33 3.71
C PRO A 49 -13.58 8.98 3.30
N VAL A 50 -12.75 10.01 3.17
CA VAL A 50 -11.37 9.84 2.76
C VAL A 50 -10.45 9.97 3.96
N PHE A 51 -9.51 9.04 4.03
CA PHE A 51 -8.42 9.10 5.00
C PHE A 51 -7.12 9.31 4.26
N GLU A 52 -6.40 10.35 4.66
CA GLU A 52 -5.07 10.63 4.12
C GLU A 52 -4.05 10.43 5.20
N VAL A 53 -3.08 9.58 4.95
CA VAL A 53 -1.98 9.37 5.90
C VAL A 53 -0.77 10.11 5.39
N GLY A 54 -0.24 11.01 6.22
CA GLY A 54 0.93 11.81 5.82
C GLY A 54 0.59 13.00 4.93
N PRO A 55 -0.29 13.89 5.40
CA PRO A 55 -0.63 15.08 4.60
C PRO A 55 0.53 16.03 4.34
N GLY A 56 1.56 16.00 5.18
CA GLY A 56 2.77 16.77 4.90
C GLY A 56 2.49 18.26 4.93
N LEU A 57 2.61 18.93 3.77
CA LEU A 57 2.35 20.38 3.68
C LEU A 57 0.93 20.68 3.27
N GLY A 58 0.15 19.62 3.04
CA GLY A 58 -1.26 19.76 2.77
C GLY A 58 -1.67 19.86 1.32
N ALA A 59 -0.71 19.66 0.40
CA ALA A 59 -0.97 19.80 -1.04
C ALA A 59 -2.08 18.86 -1.55
N LEU A 60 -1.97 17.57 -1.23
CA LEU A 60 -2.99 16.63 -1.64
C LEU A 60 -4.26 16.82 -0.82
N THR A 61 -4.10 17.15 0.46
CA THR A 61 -5.28 17.40 1.31
C THR A 61 -6.19 18.46 0.70
N ARG A 62 -5.57 19.57 0.28
CA ARG A 62 -6.32 20.67 -0.31
C ARG A 62 -7.01 20.25 -1.60
N ALA A 63 -6.30 19.49 -2.44
CA ALA A 63 -6.83 19.00 -3.70
C ALA A 63 -8.04 18.11 -3.43
N LEU A 64 -7.91 17.24 -2.44
CA LEU A 64 -9.05 16.39 -2.09
C LEU A 64 -10.27 17.17 -1.60
N LEU A 65 -10.03 18.13 -0.71
CA LEU A 65 -11.13 18.93 -0.17
C LEU A 65 -11.82 19.72 -1.25
N GLU A 66 -11.04 20.22 -2.21
CA GLU A 66 -11.58 21.05 -3.26
C GLU A 66 -12.41 20.21 -4.25
N ALA A 67 -12.12 18.91 -4.32
CA ALA A 67 -12.91 17.96 -5.10
C ALA A 67 -14.13 17.47 -4.32
N GLY A 68 -14.34 18.05 -3.13
CA GLY A 68 -15.51 17.74 -2.32
C GLY A 68 -15.41 16.57 -1.36
N ALA A 69 -14.20 16.03 -1.19
CA ALA A 69 -14.00 14.90 -0.31
C ALA A 69 -14.18 15.30 1.15
N GLU A 70 -14.68 14.36 1.95
CA GLU A 70 -14.72 14.51 3.40
C GLU A 70 -13.45 13.86 3.93
N VAL A 71 -12.55 14.68 4.48
CA VAL A 71 -11.18 14.23 4.74
C VAL A 71 -10.79 14.21 6.22
N THR A 72 -10.21 13.09 6.62
CA THR A 72 -9.46 12.98 7.89
C THR A 72 -8.01 12.78 7.50
N ALA A 73 -7.12 13.64 7.99
CA ALA A 73 -5.71 13.58 7.64
C ALA A 73 -4.91 13.29 8.89
N ILE A 74 -4.10 12.22 8.83
CA ILE A 74 -3.36 11.73 9.98
C ILE A 74 -1.85 11.93 9.77
N GLU A 75 -1.25 12.78 10.60
CA GLU A 75 0.14 13.23 10.45
C GLU A 75 0.89 13.00 11.76
N LYS A 76 2.02 12.32 11.68
CA LYS A 76 2.79 11.98 12.89
C LYS A 76 3.68 13.15 13.34
N ASP A 77 4.14 13.98 12.40
CA ASP A 77 5.05 15.07 12.74
C ASP A 77 4.31 16.33 13.19
N LEU A 78 4.29 16.57 14.51
CA LEU A 78 3.65 17.76 15.08
C LEU A 78 4.20 19.08 14.56
N ARG A 79 5.46 19.10 14.11
CA ARG A 79 6.04 20.30 13.54
C ARG A 79 5.29 20.79 12.30
N LEU A 80 4.52 19.91 11.65
CA LEU A 80 3.80 20.29 10.47
C LEU A 80 2.44 20.95 10.74
N ARG A 81 2.06 21.03 12.01
CA ARG A 81 0.75 21.62 12.34
C ARG A 81 0.58 23.06 11.82
N PRO A 82 1.55 23.98 12.05
CA PRO A 82 1.33 25.34 11.51
C PRO A 82 1.16 25.43 9.99
N VAL A 83 1.99 24.70 9.23
CA VAL A 83 1.87 24.79 7.77
C VAL A 83 0.54 24.18 7.32
N LEU A 84 0.12 23.09 7.96
CA LEU A 84 -1.14 22.43 7.61
C LEU A 84 -2.32 23.35 7.91
N GLU A 85 -2.31 23.96 9.09
CA GLU A 85 -3.37 24.91 9.41
C GLU A 85 -3.41 26.10 8.44
N GLU A 86 -2.25 26.53 7.97
CA GLU A 86 -2.16 27.62 7.01
C GLU A 86 -2.71 27.17 5.66
N THR A 87 -2.20 26.03 5.17
CA THR A 87 -2.59 25.56 3.86
C THR A 87 -4.09 25.28 3.80
N LEU A 88 -4.63 24.75 4.90
CA LEU A 88 -5.98 24.25 4.93
C LEU A 88 -6.98 25.19 5.59
N SER A 89 -6.54 26.42 5.84
CA SER A 89 -7.40 27.44 6.46
C SER A 89 -8.76 27.55 5.75
N GLY A 90 -9.84 27.51 6.53
CA GLY A 90 -11.18 27.62 5.97
C GLY A 90 -11.80 26.34 5.43
N LEU A 91 -11.01 25.26 5.39
CA LEU A 91 -11.46 23.98 4.80
C LEU A 91 -11.74 22.92 5.87
N PRO A 92 -12.78 22.10 5.68
CA PRO A 92 -13.23 21.12 6.68
C PRO A 92 -12.38 19.84 6.63
N VAL A 93 -11.17 19.93 7.14
CA VAL A 93 -10.38 18.71 7.30
C VAL A 93 -10.23 18.41 8.79
N ARG A 94 -10.44 17.15 9.18
CA ARG A 94 -10.11 16.74 10.54
C ARG A 94 -8.65 16.32 10.59
N LEU A 95 -7.82 17.16 11.21
CA LEU A 95 -6.40 16.89 11.34
C LEU A 95 -6.16 16.10 12.61
N VAL A 96 -5.52 14.96 12.48
CA VAL A 96 -5.21 14.09 13.60
C VAL A 96 -3.72 13.92 13.64
N PHE A 97 -3.11 14.33 14.75
CA PHE A 97 -1.67 14.23 14.95
C PHE A 97 -1.36 12.99 15.76
N GLN A 98 -1.02 11.93 15.03
CA GLN A 98 -0.87 10.60 15.56
C GLN A 98 -0.04 9.77 14.60
N ASP A 99 0.61 8.74 15.12
CA ASP A 99 1.19 7.69 14.31
C ASP A 99 0.06 6.90 13.64
N ALA A 100 0.02 6.91 12.31
CA ALA A 100 -1.03 6.19 11.60
C ALA A 100 -1.00 4.68 11.83
N LEU A 101 0.16 4.13 12.20
CA LEU A 101 0.24 2.71 12.53
C LEU A 101 -0.52 2.36 13.81
N LEU A 102 -0.92 3.39 14.57
CA LEU A 102 -1.67 3.23 15.81
C LEU A 102 -3.16 3.63 15.73
N TYR A 103 -3.57 4.15 14.57
CA TYR A 103 -4.94 4.63 14.34
C TYR A 103 -5.92 3.45 14.33
N PRO A 104 -7.16 3.64 14.79
CA PRO A 104 -8.10 2.51 14.86
C PRO A 104 -8.77 2.18 13.53
N TRP A 105 -7.99 1.58 12.63
CA TRP A 105 -8.42 1.37 11.25
C TRP A 105 -9.62 0.44 11.07
N GLU A 106 -9.77 -0.52 12.00
CA GLU A 106 -10.80 -1.54 11.84
C GLU A 106 -12.19 -0.92 12.01
N GLU A 107 -12.25 0.28 12.58
CA GLU A 107 -13.52 0.96 12.86
C GLU A 107 -13.98 1.98 11.83
N VAL A 108 -13.18 2.21 10.79
CA VAL A 108 -13.59 3.21 9.81
C VAL A 108 -14.85 2.77 9.06
N PRO A 109 -15.66 3.74 8.59
CA PRO A 109 -16.89 3.35 7.91
C PRO A 109 -16.67 2.46 6.70
N GLN A 110 -17.56 1.50 6.49
CA GLN A 110 -17.55 0.71 5.26
C GLN A 110 -17.70 1.67 4.08
N GLY A 111 -16.80 1.53 3.10
CA GLY A 111 -16.86 2.39 1.93
C GLY A 111 -15.86 3.53 1.99
N SER A 112 -15.01 3.53 3.01
CA SER A 112 -13.98 4.56 3.11
C SER A 112 -12.96 4.46 1.97
N LEU A 113 -12.21 5.54 1.79
CA LEU A 113 -11.13 5.57 0.82
C LEU A 113 -9.84 5.96 1.49
N LEU A 114 -8.73 5.32 1.10
CA LEU A 114 -7.40 5.82 1.45
C LEU A 114 -6.86 6.54 0.26
N VAL A 115 -6.39 7.77 0.46
CA VAL A 115 -5.73 8.51 -0.61
C VAL A 115 -4.51 9.21 0.02
N ALA A 116 -3.29 8.86 -0.40
CA ALA A 116 -2.12 9.29 0.39
C ALA A 116 -0.80 9.20 -0.34
N ASN A 117 0.07 10.17 -0.06
CA ASN A 117 1.48 10.08 -0.40
C ASN A 117 2.14 9.39 0.80
N LEU A 118 2.17 8.05 0.81
CA LEU A 118 2.58 7.34 2.03
C LEU A 118 4.10 7.43 2.34
N PRO A 119 4.45 7.55 3.64
CA PRO A 119 5.86 7.43 4.02
C PRO A 119 6.35 6.03 3.69
N TYR A 120 7.53 5.93 3.10
CA TYR A 120 8.00 4.66 2.56
C TYR A 120 8.08 3.57 3.63
N HIS A 121 8.38 3.96 4.86
CA HIS A 121 8.72 2.98 5.90
C HIS A 121 7.48 2.36 6.54
N ILE A 122 6.30 2.94 6.29
CA ILE A 122 5.08 2.34 6.83
C ILE A 122 4.14 1.78 5.76
N ALA A 123 4.41 2.08 4.49
CA ALA A 123 3.44 1.76 3.41
C ALA A 123 3.00 0.30 3.40
N THR A 124 3.97 -0.62 3.48
CA THR A 124 3.63 -2.02 3.36
C THR A 124 2.80 -2.53 4.55
N PRO A 125 3.26 -2.34 5.81
CA PRO A 125 2.39 -2.83 6.90
C PRO A 125 1.06 -2.06 7.00
N LEU A 126 1.07 -0.79 6.63
CA LEU A 126 -0.18 -0.03 6.70
C LEU A 126 -1.17 -0.55 5.67
N VAL A 127 -0.77 -0.65 4.41
CA VAL A 127 -1.69 -1.15 3.37
C VAL A 127 -2.19 -2.56 3.69
N THR A 128 -1.29 -3.40 4.21
CA THR A 128 -1.66 -4.76 4.61
C THR A 128 -2.78 -4.72 5.64
N ARG A 129 -2.60 -3.86 6.66
CA ARG A 129 -3.61 -3.71 7.68
C ARG A 129 -4.95 -3.21 7.14
N LEU A 130 -4.90 -2.19 6.29
N LEU A 130 -4.92 -2.19 6.30
CA LEU A 130 -6.13 -1.60 5.77
CA LEU A 130 -6.16 -1.62 5.81
C LEU A 130 -6.89 -2.62 4.92
C LEU A 130 -6.90 -2.58 4.87
N LEU A 131 -6.16 -3.41 4.15
CA LEU A 131 -6.77 -4.47 3.33
C LEU A 131 -7.44 -5.51 4.21
N LYS A 132 -6.80 -5.89 5.31
CA LYS A 132 -7.41 -6.83 6.25
C LYS A 132 -8.71 -6.32 6.88
N THR A 133 -8.89 -5.00 6.99
CA THR A 133 -10.13 -4.45 7.57
C THR A 133 -11.38 -4.75 6.76
N GLY A 134 -11.21 -4.88 5.44
CA GLY A 134 -12.33 -5.04 4.50
C GLY A 134 -13.21 -3.81 4.37
N ARG A 135 -12.78 -2.68 4.93
CA ARG A 135 -13.67 -1.52 5.04
C ARG A 135 -13.54 -0.55 3.89
N PHE A 136 -12.47 -0.67 3.10
CA PHE A 136 -12.23 0.33 2.06
C PHE A 136 -12.81 -0.01 0.70
N ALA A 137 -13.41 0.99 0.06
CA ALA A 137 -13.85 0.84 -1.32
C ALA A 137 -12.69 0.90 -2.31
N ARG A 138 -11.68 1.70 -1.97
CA ARG A 138 -10.57 1.98 -2.86
C ARG A 138 -9.40 2.46 -2.02
N LEU A 139 -8.19 2.05 -2.41
CA LEU A 139 -7.00 2.60 -1.77
C LEU A 139 -6.10 3.12 -2.88
N VAL A 140 -5.75 4.41 -2.82
CA VAL A 140 -4.95 5.04 -3.88
C VAL A 140 -3.78 5.72 -3.19
N PHE A 141 -2.55 5.39 -3.58
CA PHE A 141 -1.41 5.86 -2.81
C PHE A 141 -0.11 5.81 -3.62
N LEU A 142 0.86 6.58 -3.19
CA LEU A 142 2.23 6.53 -3.75
C LEU A 142 3.09 5.62 -2.90
N VAL A 143 3.86 4.79 -3.58
CA VAL A 143 4.86 3.91 -2.96
C VAL A 143 6.11 3.92 -3.83
N GLN A 144 7.23 3.47 -3.26
CA GLN A 144 8.43 3.26 -4.07
C GLN A 144 8.11 2.31 -5.22
N LYS A 145 8.72 2.56 -6.39
CA LYS A 145 8.36 1.77 -7.57
C LYS A 145 8.54 0.28 -7.29
N GLU A 146 9.60 -0.11 -6.58
CA GLU A 146 9.84 -1.52 -6.27
C GLU A 146 8.67 -2.12 -5.48
N VAL A 147 8.10 -1.35 -4.56
CA VAL A 147 6.98 -1.85 -3.77
C VAL A 147 5.73 -1.97 -4.65
N ALA A 148 5.53 -0.99 -5.55
CA ALA A 148 4.39 -1.06 -6.51
C ALA A 148 4.50 -2.28 -7.39
N GLU A 149 5.72 -2.58 -7.84
CA GLU A 149 5.96 -3.74 -8.65
C GLU A 149 5.61 -5.02 -7.91
N ARG A 150 5.94 -5.08 -6.61
CA ARG A 150 5.58 -6.23 -5.77
C ARG A 150 4.06 -6.36 -5.66
N MET A 151 3.40 -5.24 -5.52
CA MET A 151 1.96 -5.25 -5.29
C MET A 151 1.20 -5.64 -6.53
N THR A 152 1.83 -5.48 -7.70
CA THR A 152 1.23 -5.73 -9.01
C THR A 152 1.93 -6.82 -9.84
N ALA A 153 2.81 -7.59 -9.20
CA ALA A 153 3.61 -8.62 -9.88
C ALA A 153 2.81 -9.78 -10.47
N ARG A 154 3.31 -10.34 -11.56
CA ARG A 154 2.79 -11.61 -12.07
C ARG A 154 3.71 -12.75 -11.66
N PRO A 155 3.19 -13.99 -11.63
CA PRO A 155 4.00 -15.14 -11.20
C PRO A 155 5.28 -15.28 -12.03
N LYS A 156 6.28 -15.95 -11.45
CA LYS A 156 7.55 -16.26 -12.14
C LYS A 156 8.39 -15.01 -12.43
N THR A 157 8.18 -13.94 -11.66
CA THR A 157 8.98 -12.74 -11.76
C THR A 157 9.67 -12.41 -10.41
N PRO A 158 10.81 -11.69 -10.44
CA PRO A 158 11.52 -11.33 -9.21
C PRO A 158 10.68 -10.60 -8.16
N ALA A 159 9.73 -9.78 -8.60
CA ALA A 159 8.94 -8.96 -7.66
C ALA A 159 7.78 -9.76 -7.04
N TYR A 160 7.46 -10.88 -7.67
CA TYR A 160 6.38 -11.74 -7.20
C TYR A 160 6.71 -12.39 -5.88
N GLY A 161 5.76 -12.33 -4.95
CA GLY A 161 5.99 -12.86 -3.61
C GLY A 161 4.82 -12.66 -2.67
N VAL A 162 5.13 -12.68 -1.37
CA VAL A 162 4.10 -12.66 -0.33
C VAL A 162 3.20 -11.42 -0.44
N LEU A 163 3.82 -10.27 -0.65
CA LEU A 163 3.06 -9.02 -0.77
C LEU A 163 2.13 -9.05 -1.99
N THR A 164 2.61 -9.57 -3.12
CA THR A 164 1.77 -9.69 -4.30
C THR A 164 0.51 -10.48 -3.97
N LEU A 165 0.71 -11.57 -3.25
CA LEU A 165 -0.37 -12.49 -2.91
C LEU A 165 -1.28 -11.93 -1.81
N ARG A 166 -0.71 -11.18 -0.87
CA ARG A 166 -1.52 -10.47 0.10
C ARG A 166 -2.46 -9.46 -0.57
N VAL A 167 -1.91 -8.65 -1.46
CA VAL A 167 -2.74 -7.68 -2.17
C VAL A 167 -3.82 -8.39 -3.01
N ALA A 168 -3.40 -9.37 -3.81
CA ALA A 168 -4.30 -10.08 -4.72
C ALA A 168 -5.45 -10.74 -3.99
N HIS A 169 -5.18 -11.32 -2.82
CA HIS A 169 -6.24 -11.98 -2.07
C HIS A 169 -7.40 -11.03 -1.74
N HIS A 170 -7.05 -9.81 -1.38
CA HIS A 170 -8.04 -8.81 -0.97
C HIS A 170 -8.57 -7.94 -2.08
N ALA A 171 -7.83 -7.80 -3.20
CA ALA A 171 -8.07 -6.66 -4.09
C ALA A 171 -7.49 -6.82 -5.47
N VAL A 172 -8.07 -6.15 -6.45
N VAL A 172 -8.09 -6.13 -6.43
CA VAL A 172 -7.35 -5.99 -7.70
CA VAL A 172 -7.45 -5.81 -7.71
C VAL A 172 -6.43 -4.76 -7.59
C VAL A 172 -6.36 -4.76 -7.48
N ALA A 173 -5.28 -4.84 -8.25
CA ALA A 173 -4.20 -3.87 -8.12
C ALA A 173 -3.80 -3.30 -9.48
N GLU A 174 -3.54 -2.00 -9.49
CA GLU A 174 -3.15 -1.28 -10.71
C GLU A 174 -1.99 -0.36 -10.42
N ARG A 175 -0.97 -0.40 -11.27
CA ARG A 175 0.07 0.62 -11.24
C ARG A 175 -0.24 1.64 -12.33
N LEU A 176 -0.67 2.83 -11.94
CA LEU A 176 -1.21 3.77 -12.91
C LEU A 176 -0.22 4.74 -13.54
N PHE A 177 0.84 5.08 -12.82
CA PHE A 177 1.75 6.13 -13.24
C PHE A 177 3.06 6.01 -12.45
N ASP A 178 4.19 6.28 -13.08
CA ASP A 178 5.47 6.37 -12.37
C ASP A 178 5.88 7.80 -12.21
N LEU A 179 6.37 8.14 -11.02
CA LEU A 179 6.83 9.49 -10.72
C LEU A 179 8.35 9.49 -10.47
N PRO A 180 9.08 10.37 -11.18
CA PRO A 180 10.51 10.46 -10.97
C PRO A 180 10.85 11.06 -9.62
N PRO A 181 12.12 10.94 -9.18
CA PRO A 181 12.48 11.58 -7.91
C PRO A 181 12.13 13.08 -7.85
N GLY A 182 12.21 13.77 -8.98
CA GLY A 182 11.89 15.21 -9.03
C GLY A 182 10.46 15.65 -8.78
N ALA A 183 9.55 14.67 -8.68
CA ALA A 183 8.17 14.91 -8.31
C ALA A 183 8.05 15.26 -6.84
N PHE A 184 9.12 15.02 -6.08
CA PHE A 184 9.13 15.30 -4.65
C PHE A 184 10.24 16.27 -4.25
N PHE A 185 10.00 17.01 -3.17
CA PHE A 185 11.06 17.73 -2.49
C PHE A 185 11.14 17.34 -1.02
N PRO A 186 12.32 16.90 -0.55
CA PRO A 186 13.52 16.65 -1.33
C PRO A 186 13.31 15.41 -2.21
N PRO A 187 14.04 15.31 -3.33
CA PRO A 187 13.87 14.14 -4.17
C PRO A 187 14.41 12.88 -3.48
N PRO A 188 13.62 11.80 -3.49
CA PRO A 188 14.10 10.53 -2.97
C PRO A 188 15.12 9.91 -3.94
N LYS A 189 15.69 8.78 -3.55
CA LYS A 189 16.70 8.14 -4.39
C LYS A 189 16.11 7.27 -5.49
N VAL A 190 14.88 6.76 -5.28
CA VAL A 190 14.23 5.91 -6.27
C VAL A 190 12.95 6.54 -6.84
N TRP A 191 12.51 6.01 -8.00
CA TRP A 191 11.21 6.32 -8.58
C TRP A 191 10.08 5.83 -7.68
N SER A 192 8.95 6.50 -7.80
CA SER A 192 7.73 6.11 -7.10
C SER A 192 6.65 5.76 -8.11
N SER A 193 5.55 5.21 -7.62
CA SER A 193 4.42 4.88 -8.48
C SER A 193 3.11 5.17 -7.78
N LEU A 194 2.12 5.58 -8.57
CA LEU A 194 0.73 5.70 -8.13
C LEU A 194 0.06 4.33 -8.28
N VAL A 195 -0.39 3.79 -7.16
CA VAL A 195 -1.07 2.49 -7.09
C VAL A 195 -2.54 2.66 -6.71
N ARG A 196 -3.42 1.94 -7.40
CA ARG A 196 -4.83 1.86 -6.99
C ARG A 196 -5.19 0.42 -6.68
N LEU A 197 -5.69 0.19 -5.47
CA LEU A 197 -6.21 -1.11 -5.05
C LEU A 197 -7.70 -1.04 -4.87
N THR A 198 -8.42 -2.03 -5.39
CA THR A 198 -9.88 -2.05 -5.31
C THR A 198 -10.26 -3.33 -4.64
N PRO A 199 -10.62 -3.27 -3.35
CA PRO A 199 -11.03 -4.48 -2.63
C PRO A 199 -12.19 -5.24 -3.25
N THR A 200 -12.06 -6.57 -3.20
CA THR A 200 -12.99 -7.46 -3.86
C THR A 200 -13.75 -8.36 -2.87
N GLY A 201 -13.63 -8.08 -1.58
CA GLY A 201 -14.49 -8.69 -0.59
C GLY A 201 -13.81 -9.55 0.46
N ALA A 202 -12.72 -10.23 0.10
CA ALA A 202 -12.11 -11.16 1.05
C ALA A 202 -11.48 -10.44 2.23
N LEU A 203 -11.73 -10.95 3.43
CA LEU A 203 -11.01 -10.51 4.63
C LEU A 203 -9.79 -11.40 4.82
N ASP A 204 -9.09 -11.27 5.96
CA ASP A 204 -7.89 -12.08 6.15
C ASP A 204 -8.22 -13.57 6.08
N ASP A 205 -7.28 -14.34 5.53
CA ASP A 205 -7.34 -15.80 5.57
C ASP A 205 -6.03 -16.29 6.17
N PRO A 206 -5.96 -16.37 7.51
CA PRO A 206 -4.69 -16.76 8.14
C PRO A 206 -4.10 -18.10 7.67
N GLY A 207 -4.94 -19.10 7.40
CA GLY A 207 -4.47 -20.40 6.92
C GLY A 207 -3.75 -20.27 5.60
N LEU A 208 -4.33 -19.44 4.71
CA LEU A 208 -3.80 -19.23 3.40
C LEU A 208 -2.45 -18.55 3.51
N PHE A 209 -2.36 -17.56 4.40
CA PHE A 209 -1.12 -16.82 4.50
C PHE A 209 -0.01 -17.48 5.29
N ARG A 210 -0.38 -18.39 6.18
CA ARG A 210 0.61 -19.30 6.77
C ARG A 210 1.31 -20.15 5.70
N LEU A 211 0.52 -20.62 4.73
CA LEU A 211 1.03 -21.40 3.60
C LEU A 211 1.89 -20.53 2.69
N VAL A 212 1.36 -19.34 2.35
CA VAL A 212 2.06 -18.43 1.43
C VAL A 212 3.40 -17.97 2.03
N GLU A 213 3.38 -17.59 3.30
CA GLU A 213 4.62 -17.21 4.00
C GLU A 213 5.61 -18.36 4.06
N ALA A 214 5.13 -19.55 4.36
CA ALA A 214 5.98 -20.74 4.37
C ALA A 214 6.60 -20.99 3.00
N ALA A 215 5.80 -20.83 1.95
CA ALA A 215 6.22 -21.11 0.57
C ALA A 215 7.44 -20.29 0.17
N PHE A 216 7.45 -19.04 0.60
CA PHE A 216 8.46 -18.07 0.22
C PHE A 216 9.56 -17.87 1.28
N GLY A 217 9.46 -18.56 2.42
CA GLY A 217 10.45 -18.40 3.51
C GLY A 217 11.86 -18.80 3.10
N LYS A 218 11.97 -20.02 2.60
CA LYS A 218 13.23 -20.55 2.12
C LYS A 218 13.30 -20.44 0.60
N ARG A 219 13.86 -19.32 0.14
CA ARG A 219 13.92 -18.90 -1.26
C ARG A 219 14.68 -19.82 -2.25
N ARG A 220 15.66 -20.57 -1.75
CA ARG A 220 16.52 -21.39 -2.63
C ARG A 220 15.99 -22.81 -2.79
N LYS A 221 14.89 -23.11 -2.13
CA LYS A 221 14.28 -24.45 -2.17
C LYS A 221 13.12 -24.53 -3.17
N THR A 222 12.83 -25.74 -3.62
CA THR A 222 11.59 -25.97 -4.34
C THR A 222 10.42 -25.68 -3.39
N LEU A 223 9.22 -25.52 -3.94
CA LEU A 223 8.03 -25.35 -3.10
C LEU A 223 7.86 -26.48 -2.08
N LEU A 224 8.00 -27.72 -2.52
CA LEU A 224 7.89 -28.87 -1.63
C LEU A 224 8.83 -28.82 -0.42
N ASN A 225 10.11 -28.56 -0.69
CA ASN A 225 11.12 -28.53 0.36
C ASN A 225 10.99 -27.30 1.25
N ALA A 226 10.52 -26.19 0.69
CA ALA A 226 10.24 -25.02 1.49
C ALA A 226 9.08 -25.28 2.46
N LEU A 227 7.99 -25.87 1.97
CA LEU A 227 6.87 -26.20 2.85
C LEU A 227 7.24 -27.28 3.87
N ALA A 228 8.03 -28.25 3.44
CA ALA A 228 8.43 -29.35 4.32
C ALA A 228 9.27 -28.82 5.46
N ALA A 229 10.18 -27.89 5.17
CA ALA A 229 11.02 -27.26 6.20
C ALA A 229 10.24 -26.41 7.20
N ALA A 230 9.06 -25.96 6.77
CA ALA A 230 8.16 -25.17 7.62
C ALA A 230 7.18 -26.02 8.44
N GLY A 231 7.22 -27.34 8.26
CA GLY A 231 6.43 -28.22 9.11
C GLY A 231 5.21 -28.82 8.45
N TYR A 232 4.99 -28.52 7.17
CA TYR A 232 3.94 -29.22 6.41
C TYR A 232 4.41 -30.64 6.09
N PRO A 233 3.53 -31.65 6.30
CA PRO A 233 3.85 -33.05 6.04
C PRO A 233 4.28 -33.26 4.59
N LYS A 234 5.50 -33.76 4.38
CA LYS A 234 6.09 -33.81 3.05
C LYS A 234 5.26 -34.63 2.07
N ALA A 235 4.79 -35.80 2.51
CA ALA A 235 3.99 -36.66 1.65
C ALA A 235 2.70 -35.99 1.17
N ARG A 236 2.05 -35.24 2.07
CA ARG A 236 0.82 -34.51 1.73
C ARG A 236 1.05 -33.39 0.72
N VAL A 237 2.19 -32.71 0.85
CA VAL A 237 2.54 -31.67 -0.12
C VAL A 237 2.82 -32.30 -1.49
N GLU A 238 3.54 -33.43 -1.50
CA GLU A 238 3.82 -34.15 -2.74
C GLU A 238 2.51 -34.50 -3.48
N GLU A 239 1.54 -35.03 -2.74
CA GLU A 239 0.24 -35.41 -3.30
C GLU A 239 -0.59 -34.22 -3.77
N ALA A 240 -0.60 -33.16 -2.97
CA ALA A 240 -1.38 -31.98 -3.33
C ALA A 240 -0.85 -31.35 -4.61
N LEU A 241 0.48 -31.35 -4.77
CA LEU A 241 1.11 -30.81 -5.98
C LEU A 241 0.82 -31.69 -7.18
N ARG A 242 0.89 -33.01 -6.97
CA ARG A 242 0.51 -33.99 -8.00
C ARG A 242 -0.91 -33.77 -8.48
N ALA A 243 -1.84 -33.64 -7.52
CA ALA A 243 -3.26 -33.45 -7.81
C ALA A 243 -3.54 -32.15 -8.58
N LEU A 244 -2.67 -31.15 -8.40
CA LEU A 244 -2.75 -29.88 -9.11
C LEU A 244 -2.10 -29.93 -10.50
N GLY A 245 -1.51 -31.08 -10.84
CA GLY A 245 -0.79 -31.24 -12.10
C GLY A 245 0.50 -30.45 -12.16
N LEU A 246 1.07 -30.15 -10.99
CA LEU A 246 2.30 -29.38 -10.92
C LEU A 246 3.51 -30.29 -10.78
N PRO A 247 4.65 -29.87 -11.36
CA PRO A 247 5.89 -30.64 -11.33
C PRO A 247 6.43 -30.78 -9.91
N PRO A 248 7.07 -31.93 -9.61
CA PRO A 248 7.57 -32.24 -8.28
C PRO A 248 8.44 -31.14 -7.68
N ARG A 249 9.20 -30.44 -8.53
CA ARG A 249 10.17 -29.43 -8.11
C ARG A 249 9.71 -28.00 -8.39
N VAL A 250 8.40 -27.82 -8.57
CA VAL A 250 7.83 -26.49 -8.82
C VAL A 250 8.23 -25.52 -7.71
N ARG A 251 8.44 -24.26 -8.08
CA ARG A 251 8.79 -23.26 -7.09
C ARG A 251 7.64 -22.33 -6.74
N ALA A 252 7.70 -21.75 -5.54
CA ALA A 252 6.61 -20.91 -5.01
C ALA A 252 6.16 -19.83 -5.99
N GLU A 253 7.14 -19.15 -6.61
CA GLU A 253 6.83 -18.05 -7.53
C GLU A 253 6.11 -18.45 -8.83
N GLU A 254 5.93 -19.76 -9.06
CA GLU A 254 5.20 -20.25 -10.22
C GLU A 254 3.69 -20.43 -10.00
N LEU A 255 3.24 -20.32 -8.74
CA LEU A 255 1.82 -20.47 -8.40
C LEU A 255 1.09 -19.13 -8.26
N ASP A 256 -0.04 -18.99 -8.96
CA ASP A 256 -0.91 -17.83 -8.81
C ASP A 256 -1.81 -17.95 -7.57
N LEU A 257 -2.67 -16.95 -7.35
CA LEU A 257 -3.51 -16.94 -6.15
C LEU A 257 -4.45 -18.11 -6.08
N GLU A 258 -5.11 -18.43 -7.19
CA GLU A 258 -5.97 -19.61 -7.21
C GLU A 258 -5.21 -20.90 -6.90
N ALA A 259 -3.98 -21.02 -7.43
CA ALA A 259 -3.19 -22.23 -7.22
C ALA A 259 -2.87 -22.38 -5.74
N PHE A 260 -2.48 -21.28 -5.09
CA PHE A 260 -2.25 -21.35 -3.66
C PHE A 260 -3.52 -21.70 -2.89
N ARG A 261 -4.65 -21.16 -3.33
CA ARG A 261 -5.94 -21.45 -2.65
C ARG A 261 -6.24 -22.94 -2.76
N ARG A 262 -6.01 -23.51 -3.94
CA ARG A 262 -6.27 -24.92 -4.19
C ARG A 262 -5.28 -25.79 -3.44
N LEU A 263 -4.02 -25.36 -3.40
CA LEU A 263 -3.01 -26.08 -2.66
C LEU A 263 -3.37 -26.15 -1.17
N ARG A 264 -3.79 -25.02 -0.61
CA ARG A 264 -4.26 -24.96 0.76
C ARG A 264 -5.43 -25.93 0.95
N GLU A 265 -6.41 -25.87 0.05
CA GLU A 265 -7.56 -26.76 0.11
C GLU A 265 -7.19 -28.24 0.03
N GLY A 266 -6.17 -28.54 -0.78
CA GLY A 266 -5.66 -29.90 -0.97
C GLY A 266 -4.95 -30.40 0.27
N LEU A 267 -4.16 -29.52 0.91
CA LEU A 267 -3.48 -29.87 2.16
C LEU A 267 -4.41 -30.16 3.33
N GLU A 268 -5.60 -29.55 3.29
CA GLU A 268 -6.61 -29.72 4.35
C GLU A 268 -7.70 -30.68 3.89
CS MTA B . 6.07 10.94 1.63
S5' MTA B . 5.79 12.24 2.80
C5' MTA B . 5.31 11.27 4.19
C4' MTA B . 4.36 12.00 5.16
O4' MTA B . 3.93 11.10 6.17
C2' MTA B . 5.46 12.44 7.21
O2' MTA B . 5.75 13.34 8.28
C3' MTA B . 5.09 13.12 5.92
O3' MTA B . 4.19 14.24 6.09
C1' MTA B . 4.23 11.62 7.49
N9 MTA B . 4.45 10.45 8.33
C8 MTA B . 5.59 9.73 8.48
N7 MTA B . 5.40 8.67 9.29
C5 MTA B . 4.09 8.70 9.65
C6 MTA B . 3.24 7.87 10.50
N6 MTA B . 3.73 6.78 11.12
N1 MTA B . 1.94 8.27 10.61
C2 MTA B . 1.44 9.37 9.99
N3 MTA B . 2.17 10.17 9.20
C4 MTA B . 3.48 9.87 9.01
#